data_9NCT
#
_entry.id   9NCT
#
_cell.length_a   69.000
_cell.length_b   46.880
_cell.length_c   93.328
_cell.angle_alpha   90.000
_cell.angle_beta   113.521
_cell.angle_gamma   90.000
#
_symmetry.space_group_name_H-M   'P 1 21 1'
#
loop_
_entity.id
_entity.type
_entity.pdbx_description
1 polymer 'WD repeat-containing protein 5'
2 non-polymer 4-({6-cyclopropyl-8-[(2-methyl-1H-imidazol-1-yl)methyl]-4,5-dihydro-3H-naphtho[1,2-d][1,2,3]triazol-3-yl}methyl)-2-methoxybenzonitrile
3 water water
#
_entity_poly.entity_id   1
_entity_poly.type   'polypeptide(L)'
_entity_poly.pdbx_seq_one_letter_code
;MGSSHHHHHHGSSMSDSEVNQEAKPEVKPEVKPETHINLKVSDGSSEIFFKIKKTTPLRRLMEAFAKRQGKEMDSLRFLY
DGIRIQADQTPEDLDMEDNDIIEAHREQIGGSATQSKPTPVKPNYALKFTLAGHTKAVSSVKFSPNGEWLASSSADKLIK
IWGAYDGKFEKTISGHKLGISDVAWSSDSNLLVSASDDKTLKIWDVSSGKCLKTLKGHSNYVFCCNFNPQSNLIVSGSFD
ESVRIWDVKTGKCLKTLPAHSDPVSAVHFNRDGSLIVSSSYDGLCRIWDTASGQCLKTLIDDDNPPVSFVKFSPNGKYIL
AATLDNTLKLWDYSKGKCLKTYTGHKNEKYCIFANFSVTGGKWIVSGSEDNLVYIWNLQTKEIVQKLQGHTDVVISTACH
PTENIIASAALENDKTIKLWKSDC
;
_entity_poly.pdbx_strand_id   A,B
#
# COMPACT_ATOMS: atom_id res chain seq x y z
N PRO A 123 0.33 14.40 2.07
CA PRO A 123 0.70 15.56 1.25
C PRO A 123 -0.53 16.28 0.70
N ASN A 124 -0.37 17.53 0.28
CA ASN A 124 -1.48 18.35 -0.19
C ASN A 124 -1.09 19.07 -1.48
N TYR A 125 -0.48 18.34 -2.42
CA TYR A 125 -0.09 18.92 -3.69
C TYR A 125 -1.27 19.62 -4.34
N ALA A 126 -1.04 20.87 -4.73
CA ALA A 126 -2.05 21.73 -5.31
C ALA A 126 -1.46 22.35 -6.55
N LEU A 127 -2.28 22.49 -7.59
CA LEU A 127 -1.81 23.02 -8.86
C LEU A 127 -1.43 24.48 -8.69
N LYS A 128 -0.22 24.84 -9.14
CA LYS A 128 0.27 26.20 -9.06
C LYS A 128 0.50 26.85 -10.41
N PHE A 129 0.91 26.09 -11.44
CA PHE A 129 1.21 26.65 -12.75
C PHE A 129 0.94 25.60 -13.82
N THR A 130 0.40 26.04 -14.95
CA THR A 130 0.26 25.23 -16.14
C THR A 130 1.16 25.83 -17.20
N LEU A 131 2.00 25.00 -17.80
CA LEU A 131 3.05 25.45 -18.71
C LEU A 131 2.65 25.10 -20.14
N ALA A 132 2.42 26.11 -20.97
CA ALA A 132 1.93 25.93 -22.32
C ALA A 132 3.00 26.33 -23.33
N GLY A 133 3.13 25.53 -24.39
CA GLY A 133 4.11 25.84 -25.40
C GLY A 133 4.26 24.75 -26.44
N HIS A 134 4.24 23.49 -26.01
CA HIS A 134 4.41 22.42 -26.98
C HIS A 134 3.16 22.25 -27.83
N THR A 135 3.39 21.85 -29.08
CA THR A 135 2.29 21.71 -30.04
C THR A 135 1.91 20.27 -30.30
N LYS A 136 2.55 19.33 -29.61
CA LYS A 136 2.20 17.92 -29.67
C LYS A 136 2.45 17.33 -28.28
N ALA A 137 2.29 16.02 -28.15
CA ALA A 137 2.43 15.37 -26.85
C ALA A 137 3.75 15.74 -26.19
N VAL A 138 3.70 16.01 -24.89
CA VAL A 138 4.91 16.19 -24.12
C VAL A 138 5.42 14.82 -23.69
N SER A 139 6.69 14.52 -23.98
CA SER A 139 7.21 13.19 -23.77
C SER A 139 7.92 13.00 -22.44
N SER A 140 8.59 14.03 -21.91
CA SER A 140 9.31 13.88 -20.66
C SER A 140 9.59 15.25 -20.06
N VAL A 141 9.49 15.34 -18.74
CA VAL A 141 9.87 16.53 -18.00
C VAL A 141 10.85 16.10 -16.92
N LYS A 142 11.90 16.92 -16.71
CA LYS A 142 12.99 16.59 -15.78
C LYS A 142 13.48 17.89 -15.14
N PHE A 143 13.56 17.91 -13.80
CA PHE A 143 14.16 19.04 -13.10
C PHE A 143 15.68 19.01 -13.21
N SER A 144 16.29 20.19 -13.31
CA SER A 144 17.74 20.26 -13.27
C SER A 144 18.23 19.93 -11.85
N PRO A 145 19.42 19.33 -11.72
CA PRO A 145 19.89 18.97 -10.38
C PRO A 145 20.10 20.16 -9.46
N ASN A 146 20.42 21.34 -9.99
CA ASN A 146 20.49 22.51 -9.14
C ASN A 146 19.12 23.07 -8.81
N GLY A 147 18.05 22.44 -9.30
CA GLY A 147 16.71 22.84 -8.93
C GLY A 147 16.22 24.13 -9.55
N GLU A 148 17.00 24.73 -10.43
CA GLU A 148 16.63 26.01 -11.03
C GLU A 148 15.68 25.85 -12.20
N TRP A 149 15.80 24.77 -12.98
CA TRP A 149 15.13 24.67 -14.27
C TRP A 149 14.33 23.38 -14.39
N LEU A 150 13.32 23.43 -15.25
CA LEU A 150 12.62 22.25 -15.75
C LEU A 150 12.86 22.16 -17.25
N ALA A 151 13.26 20.99 -17.73
CA ALA A 151 13.40 20.72 -19.16
C ALA A 151 12.28 19.80 -19.62
N SER A 152 11.72 20.08 -20.79
CA SER A 152 10.69 19.22 -21.33
C SER A 152 11.03 18.86 -22.77
N SER A 153 10.72 17.62 -23.14
CA SER A 153 10.84 17.11 -24.50
C SER A 153 9.45 16.87 -25.08
N SER A 154 9.35 16.87 -26.40
CA SER A 154 8.04 16.71 -26.98
C SER A 154 8.12 16.00 -28.32
N ALA A 155 6.98 15.43 -28.70
CA ALA A 155 6.80 14.93 -30.06
C ALA A 155 6.82 16.04 -31.10
N ASP A 156 6.85 17.32 -30.70
CA ASP A 156 6.96 18.39 -31.67
C ASP A 156 8.41 18.72 -32.02
N LYS A 157 9.34 17.81 -31.71
CA LYS A 157 10.76 17.87 -32.04
C LYS A 157 11.53 18.88 -31.20
N LEU A 158 10.92 19.52 -30.21
CA LEU A 158 11.53 20.62 -29.47
C LEU A 158 11.86 20.26 -28.04
N ILE A 159 12.94 20.85 -27.52
CA ILE A 159 13.18 20.93 -26.08
C ILE A 159 12.84 22.34 -25.62
N LYS A 160 12.14 22.44 -24.49
CA LYS A 160 11.82 23.73 -23.89
C LYS A 160 12.27 23.74 -22.44
N ILE A 161 12.83 24.88 -22.01
CA ILE A 161 13.32 25.08 -20.65
C ILE A 161 12.39 26.06 -19.96
N TRP A 162 12.01 25.74 -18.73
CA TRP A 162 11.12 26.56 -17.92
C TRP A 162 11.73 26.77 -16.56
N GLY A 163 11.34 27.87 -15.90
CA GLY A 163 11.76 28.07 -14.53
C GLY A 163 11.14 27.03 -13.62
N ALA A 164 11.97 26.36 -12.81
CA ALA A 164 11.47 25.27 -11.98
C ALA A 164 10.45 25.73 -10.96
N TYR A 165 10.57 26.96 -10.43
CA TYR A 165 9.70 27.40 -9.34
C TYR A 165 8.47 28.20 -9.79
N ASP A 166 8.57 28.97 -10.87
CA ASP A 166 7.45 29.78 -11.34
C ASP A 166 6.88 29.32 -12.68
N GLY A 167 7.51 28.36 -13.35
CA GLY A 167 7.00 27.90 -14.63
C GLY A 167 7.21 28.85 -15.79
N LYS A 168 8.01 29.90 -15.63
CA LYS A 168 8.15 30.88 -16.69
C LYS A 168 9.01 30.32 -17.81
N PHE A 169 8.47 30.35 -19.04
CA PHE A 169 9.20 29.90 -20.22
C PHE A 169 10.54 30.63 -20.35
N GLU A 170 11.56 29.87 -20.72
CA GLU A 170 12.93 30.37 -20.79
C GLU A 170 13.53 30.30 -22.19
N LYS A 171 13.46 29.15 -22.85
CA LYS A 171 14.02 29.04 -24.19
C LYS A 171 13.54 27.74 -24.83
N THR A 172 13.55 27.73 -26.15
CA THR A 172 13.31 26.53 -26.94
C THR A 172 14.63 26.09 -27.57
N ILE A 173 14.90 24.79 -27.52
CA ILE A 173 16.12 24.24 -28.09
C ILE A 173 15.70 23.30 -29.21
N SER A 174 16.20 23.57 -30.43
CA SER A 174 15.73 22.90 -31.63
C SER A 174 16.89 22.28 -32.40
N GLY A 175 16.58 21.24 -33.16
CA GLY A 175 17.57 20.64 -34.03
C GLY A 175 17.25 19.22 -34.46
N HIS A 176 16.56 18.46 -33.61
CA HIS A 176 16.14 17.12 -33.99
C HIS A 176 15.14 17.23 -35.13
N LYS A 177 15.25 16.29 -36.07
CA LYS A 177 14.39 16.27 -37.27
C LYS A 177 13.09 15.53 -37.06
N LEU A 178 12.95 14.79 -35.96
CA LEU A 178 11.73 14.08 -35.62
C LEU A 178 11.50 14.21 -34.11
N GLY A 179 10.37 13.68 -33.62
CA GLY A 179 9.97 13.90 -32.25
C GLY A 179 10.99 13.37 -31.25
N ILE A 180 10.93 13.92 -30.03
CA ILE A 180 11.83 13.57 -28.95
C ILE A 180 11.03 12.78 -27.91
N SER A 181 11.58 11.66 -27.45
CA SER A 181 10.92 10.85 -26.43
C SER A 181 11.42 11.13 -25.03
N ASP A 182 12.64 11.63 -24.87
CA ASP A 182 13.24 11.73 -23.54
C ASP A 182 14.31 12.81 -23.53
N VAL A 183 14.55 13.36 -22.33
CA VAL A 183 15.62 14.33 -22.11
C VAL A 183 16.22 14.04 -20.73
N ALA A 184 17.49 14.44 -20.54
CA ALA A 184 18.09 14.26 -19.22
C ALA A 184 19.22 15.28 -19.03
N TRP A 185 19.43 15.64 -17.76
CA TRP A 185 20.41 16.64 -17.36
C TRP A 185 21.74 16.01 -16.95
N SER A 186 22.82 16.67 -17.31
CA SER A 186 24.09 16.34 -16.68
C SER A 186 24.08 16.78 -15.21
N SER A 187 25.04 16.28 -14.45
CA SER A 187 25.03 16.48 -12.99
C SER A 187 25.22 17.94 -12.62
N ASP A 188 25.98 18.69 -13.40
CA ASP A 188 26.22 20.10 -13.12
C ASP A 188 25.16 21.02 -13.72
N SER A 189 24.07 20.47 -14.26
CA SER A 189 22.93 21.22 -14.81
C SER A 189 23.29 22.03 -16.05
N ASN A 190 24.46 21.84 -16.65
CA ASN A 190 24.88 22.60 -17.82
C ASN A 190 24.55 21.93 -19.16
N LEU A 191 24.43 20.61 -19.19
CA LEU A 191 24.18 19.90 -20.43
C LEU A 191 22.84 19.19 -20.39
N LEU A 192 22.30 18.96 -21.59
CA LEU A 192 21.15 18.09 -21.81
C LEU A 192 21.50 17.02 -22.83
N VAL A 193 20.90 15.84 -22.67
CA VAL A 193 20.89 14.82 -23.71
C VAL A 193 19.44 14.51 -24.06
N SER A 194 19.17 14.36 -25.35
CA SER A 194 17.83 14.05 -25.85
C SER A 194 17.86 12.80 -26.71
N ALA A 195 16.81 11.99 -26.62
CA ALA A 195 16.63 10.82 -27.48
C ALA A 195 15.48 11.07 -28.44
N SER A 196 15.72 10.85 -29.74
CA SER A 196 14.79 11.24 -30.78
C SER A 196 14.43 10.09 -31.71
N ASP A 197 13.24 10.17 -32.30
CA ASP A 197 12.85 9.25 -33.35
C ASP A 197 13.75 9.33 -34.58
N ASP A 198 14.58 10.37 -34.71
CA ASP A 198 15.51 10.40 -35.83
C ASP A 198 16.71 9.49 -35.62
N LYS A 199 16.61 8.58 -34.65
CA LYS A 199 17.62 7.55 -34.36
C LYS A 199 18.91 8.11 -33.76
N THR A 200 18.94 9.39 -33.41
CA THR A 200 20.12 9.98 -32.79
C THR A 200 19.80 10.46 -31.39
N LEU A 201 20.84 10.63 -30.60
CA LEU A 201 20.78 11.48 -29.42
C LEU A 201 21.61 12.72 -29.67
N LYS A 202 21.24 13.82 -29.01
CA LYS A 202 22.02 15.04 -29.13
C LYS A 202 22.35 15.56 -27.75
N ILE A 203 23.61 15.93 -27.56
CA ILE A 203 24.08 16.58 -26.34
C ILE A 203 24.04 18.08 -26.56
N TRP A 204 23.34 18.78 -25.67
CA TRP A 204 23.13 20.21 -25.83
C TRP A 204 23.83 20.98 -24.71
N ASP A 205 24.42 22.11 -25.08
CA ASP A 205 24.82 23.11 -24.10
C ASP A 205 23.61 24.00 -23.81
N VAL A 206 23.07 23.89 -22.60
CA VAL A 206 21.79 24.54 -22.30
C VAL A 206 21.92 26.06 -22.34
N SER A 207 23.08 26.59 -21.97
CA SER A 207 23.23 28.03 -21.94
C SER A 207 23.17 28.60 -23.35
N SER A 208 23.99 28.06 -24.25
CA SER A 208 24.04 28.54 -25.63
C SER A 208 22.94 27.97 -26.50
N GLY A 209 22.29 26.89 -26.06
CA GLY A 209 21.35 26.18 -26.91
C GLY A 209 21.97 25.39 -28.04
N LYS A 210 23.30 25.33 -28.11
CA LYS A 210 23.95 24.68 -29.24
C LYS A 210 24.01 23.17 -29.06
N CYS A 211 23.87 22.45 -30.17
CA CYS A 211 24.09 21.02 -30.19
C CYS A 211 25.59 20.75 -30.23
N LEU A 212 26.13 20.23 -29.13
CA LEU A 212 27.56 19.95 -29.05
C LEU A 212 27.92 18.69 -29.84
N LYS A 213 27.12 17.64 -29.70
CA LYS A 213 27.38 16.37 -30.36
C LYS A 213 26.05 15.75 -30.78
N THR A 214 26.11 14.94 -31.82
CA THR A 214 25.01 14.09 -32.25
C THR A 214 25.48 12.65 -32.20
N LEU A 215 24.83 11.84 -31.38
CA LEU A 215 25.22 10.45 -31.15
C LEU A 215 24.50 9.56 -32.15
N LYS A 216 25.23 9.07 -33.15
CA LYS A 216 24.70 8.21 -34.19
C LYS A 216 25.14 6.77 -33.95
N GLY A 217 24.27 5.81 -34.25
CA GLY A 217 24.62 4.42 -34.11
C GLY A 217 23.43 3.51 -33.88
N HIS A 218 22.40 4.00 -33.20
CA HIS A 218 21.13 3.26 -33.14
C HIS A 218 20.52 3.15 -34.53
N SER A 219 19.87 2.02 -34.81
CA SER A 219 19.24 1.79 -36.10
C SER A 219 17.72 1.95 -36.05
N ASN A 220 17.20 2.59 -35.01
CA ASN A 220 15.76 2.82 -34.87
C ASN A 220 15.58 3.89 -33.80
N TYR A 221 14.31 4.24 -33.53
CA TYR A 221 13.99 5.29 -32.57
C TYR A 221 14.79 5.12 -31.28
N VAL A 222 15.29 6.22 -30.73
CA VAL A 222 15.91 6.21 -29.41
C VAL A 222 14.85 6.67 -28.42
N PHE A 223 14.56 5.83 -27.44
CA PHE A 223 13.40 6.05 -26.58
C PHE A 223 13.77 6.72 -25.26
N CYS A 224 14.89 6.34 -24.65
CA CYS A 224 15.21 6.76 -23.30
C CYS A 224 16.70 7.05 -23.18
N CYS A 225 17.07 7.89 -22.23
CA CYS A 225 18.47 8.27 -22.09
C CYS A 225 18.74 8.78 -20.68
N ASN A 226 20.02 8.76 -20.30
CA ASN A 226 20.43 9.28 -19.00
C ASN A 226 21.94 9.50 -18.94
N PHE A 227 22.36 10.49 -18.15
CA PHE A 227 23.76 10.64 -17.76
C PHE A 227 24.03 9.72 -16.57
N ASN A 228 25.29 9.32 -16.43
CA ASN A 228 25.75 8.72 -15.17
C ASN A 228 26.08 9.84 -14.17
N PRO A 229 26.19 9.53 -12.88
CA PRO A 229 26.39 10.62 -11.89
C PRO A 229 27.58 11.50 -12.21
N GLN A 230 28.68 10.92 -12.67
CA GLN A 230 29.85 11.70 -13.09
C GLN A 230 29.58 12.45 -14.40
N SER A 231 28.56 12.03 -15.16
CA SER A 231 28.16 12.68 -16.42
C SER A 231 29.27 12.65 -17.45
N ASN A 232 30.19 11.71 -17.32
CA ASN A 232 31.11 11.43 -18.40
C ASN A 232 30.60 10.33 -19.32
N LEU A 233 29.44 9.73 -19.05
CA LEU A 233 28.88 8.77 -19.99
C LEU A 233 27.42 9.07 -20.20
N ILE A 234 26.86 8.52 -21.27
CA ILE A 234 25.43 8.57 -21.51
C ILE A 234 24.96 7.16 -21.84
N VAL A 235 23.78 6.78 -21.34
CA VAL A 235 23.19 5.49 -21.67
C VAL A 235 21.90 5.74 -22.45
N SER A 236 21.64 4.92 -23.47
CA SER A 236 20.46 5.11 -24.29
C SER A 236 19.80 3.75 -24.53
N GLY A 237 18.48 3.77 -24.59
CA GLY A 237 17.70 2.59 -24.96
C GLY A 237 16.89 2.91 -26.20
N SER A 238 16.74 1.91 -27.07
CA SER A 238 16.20 2.16 -28.40
C SER A 238 15.22 1.06 -28.81
N PHE A 239 14.38 1.40 -29.79
CA PHE A 239 13.52 0.41 -30.41
C PHE A 239 14.33 -0.62 -31.19
N ASP A 240 15.59 -0.35 -31.50
CA ASP A 240 16.44 -1.39 -32.08
C ASP A 240 16.82 -2.47 -31.07
N GLU A 241 16.32 -2.38 -29.83
CA GLU A 241 16.39 -3.40 -28.79
C GLU A 241 17.76 -3.39 -28.11
N SER A 242 18.66 -2.49 -28.45
CA SER A 242 19.97 -2.40 -27.83
C SER A 242 19.98 -1.32 -26.75
N VAL A 243 20.95 -1.44 -25.85
CA VAL A 243 21.35 -0.38 -24.94
C VAL A 243 22.72 0.09 -25.37
N ARG A 244 22.91 1.40 -25.51
CA ARG A 244 24.22 1.90 -25.91
C ARG A 244 24.79 2.82 -24.84
N ILE A 245 26.12 2.75 -24.70
CA ILE A 245 26.88 3.50 -23.73
C ILE A 245 27.82 4.44 -24.50
N TRP A 246 27.68 5.74 -24.26
CA TRP A 246 28.30 6.77 -25.08
C TRP A 246 29.28 7.58 -24.25
N ASP A 247 30.37 8.00 -24.88
CA ASP A 247 31.33 8.89 -24.26
C ASP A 247 30.93 10.34 -24.53
N VAL A 248 30.63 11.08 -23.46
CA VAL A 248 30.15 12.46 -23.58
C VAL A 248 31.14 13.33 -24.33
N LYS A 249 32.42 13.27 -23.95
CA LYS A 249 33.40 14.19 -24.55
C LYS A 249 33.56 13.96 -26.04
N THR A 250 33.82 12.73 -26.45
CA THR A 250 34.10 12.43 -27.86
C THR A 250 32.85 12.11 -28.65
N GLY A 251 31.73 11.84 -27.99
CA GLY A 251 30.54 11.46 -28.71
C GLY A 251 30.58 10.07 -29.26
N LYS A 252 31.63 9.31 -28.95
CA LYS A 252 31.80 7.96 -29.45
C LYS A 252 30.94 6.97 -28.66
N CYS A 253 30.41 5.99 -29.37
CA CYS A 253 29.72 4.88 -28.72
C CYS A 253 30.76 3.90 -28.19
N LEU A 254 30.80 3.75 -26.87
CA LEU A 254 31.80 2.90 -26.23
C LEU A 254 31.38 1.43 -26.22
N LYS A 255 30.10 1.15 -25.97
CA LYS A 255 29.60 -0.21 -25.95
C LYS A 255 28.18 -0.25 -26.51
N THR A 256 27.87 -1.36 -27.17
CA THR A 256 26.51 -1.66 -27.61
C THR A 256 26.11 -2.98 -26.99
N LEU A 257 25.10 -2.96 -26.13
CA LEU A 257 24.66 -4.13 -25.40
C LEU A 257 23.46 -4.76 -26.10
N PRO A 258 23.48 -6.07 -26.42
CA PRO A 258 22.27 -6.70 -26.98
C PRO A 258 21.31 -7.01 -25.83
N ALA A 259 20.65 -5.97 -25.34
CA ALA A 259 20.10 -5.99 -24.00
C ALA A 259 18.79 -6.74 -23.92
N HIS A 260 17.98 -6.67 -24.96
CA HIS A 260 16.63 -7.19 -24.90
C HIS A 260 16.22 -7.69 -26.27
N SER A 261 15.05 -8.35 -26.31
CA SER A 261 14.51 -8.88 -27.54
C SER A 261 13.27 -8.11 -27.99
N ASP A 262 13.10 -6.89 -27.48
CA ASP A 262 12.01 -5.98 -27.82
C ASP A 262 12.45 -4.57 -27.47
N PRO A 263 11.73 -3.55 -27.92
CA PRO A 263 12.10 -2.16 -27.59
C PRO A 263 12.43 -1.96 -26.11
N VAL A 264 13.46 -1.15 -25.87
CA VAL A 264 13.95 -0.87 -24.52
C VAL A 264 13.14 0.30 -23.95
N SER A 265 12.46 0.06 -22.82
CA SER A 265 11.56 1.08 -22.26
C SER A 265 12.23 2.03 -21.28
N ALA A 266 13.40 1.68 -20.73
CA ALA A 266 14.04 2.59 -19.78
C ALA A 266 15.48 2.15 -19.55
N VAL A 267 16.33 3.13 -19.23
CA VAL A 267 17.72 2.91 -18.85
C VAL A 267 18.06 3.94 -17.77
N HIS A 268 18.85 3.53 -16.78
CA HIS A 268 19.17 4.40 -15.64
C HIS A 268 20.45 3.88 -14.99
N PHE A 269 21.33 4.80 -14.58
CA PHE A 269 22.54 4.48 -13.81
C PHE A 269 22.21 4.44 -12.33
N ASN A 270 22.98 3.67 -11.58
CA ASN A 270 22.90 3.74 -10.12
C ASN A 270 23.74 4.93 -9.65
N ARG A 271 23.95 5.01 -8.34
CA ARG A 271 24.44 6.24 -7.72
C ARG A 271 25.93 6.48 -7.93
N ASP A 272 26.73 5.46 -8.27
CA ASP A 272 28.11 5.70 -8.65
C ASP A 272 28.38 5.37 -10.12
N GLY A 273 27.32 5.17 -10.91
CA GLY A 273 27.45 4.85 -12.33
C GLY A 273 28.03 3.48 -12.65
N SER A 274 28.32 2.64 -11.64
CA SER A 274 28.88 1.33 -11.95
C SER A 274 27.84 0.38 -12.53
N LEU A 275 26.55 0.71 -12.41
CA LEU A 275 25.46 -0.18 -12.77
C LEU A 275 24.47 0.54 -13.66
N ILE A 276 23.90 -0.20 -14.60
CA ILE A 276 22.82 0.25 -15.45
C ILE A 276 21.66 -0.72 -15.27
N VAL A 277 20.46 -0.18 -15.11
CA VAL A 277 19.26 -1.00 -15.10
C VAL A 277 18.48 -0.66 -16.35
N SER A 278 18.03 -1.70 -17.06
CA SER A 278 17.21 -1.52 -18.24
C SER A 278 15.97 -2.37 -18.10
N SER A 279 14.93 -1.98 -18.84
CA SER A 279 13.68 -2.71 -18.90
C SER A 279 13.23 -2.79 -20.36
N SER A 280 12.28 -3.68 -20.64
CA SER A 280 11.83 -3.84 -22.01
C SER A 280 10.44 -4.44 -22.03
N TYR A 281 9.75 -4.24 -23.15
CA TYR A 281 8.50 -4.94 -23.41
C TYR A 281 8.67 -6.45 -23.54
N ASP A 282 9.90 -6.96 -23.62
CA ASP A 282 10.10 -8.40 -23.58
C ASP A 282 9.79 -9.00 -22.22
N GLY A 283 9.51 -8.18 -21.20
CA GLY A 283 9.17 -8.67 -19.89
C GLY A 283 10.32 -8.72 -18.91
N LEU A 284 11.52 -8.33 -19.33
CA LEU A 284 12.71 -8.47 -18.52
C LEU A 284 13.18 -7.13 -17.95
N CYS A 285 13.73 -7.21 -16.75
CA CYS A 285 14.53 -6.13 -16.18
CA CYS A 285 14.52 -6.14 -16.17
C CYS A 285 15.92 -6.69 -15.93
N ARG A 286 16.93 -6.03 -16.49
CA ARG A 286 18.31 -6.50 -16.39
C ARG A 286 19.23 -5.43 -15.80
N ILE A 287 20.22 -5.88 -15.03
CA ILE A 287 21.26 -5.04 -14.45
C ILE A 287 22.57 -5.31 -15.16
N TRP A 288 23.25 -4.24 -15.57
CA TRP A 288 24.45 -4.33 -16.39
C TRP A 288 25.64 -3.71 -15.67
N ASP A 289 26.80 -4.34 -15.81
CA ASP A 289 28.05 -3.74 -15.35
C ASP A 289 28.51 -2.74 -16.42
N THR A 290 28.49 -1.45 -16.06
CA THR A 290 28.85 -0.39 -17.00
C THR A 290 30.23 -0.60 -17.61
N ALA A 291 31.23 -0.95 -16.78
CA ALA A 291 32.61 -0.99 -17.25
C ALA A 291 32.85 -2.10 -18.25
N SER A 292 32.20 -3.25 -18.09
CA SER A 292 32.39 -4.37 -19.01
C SER A 292 31.23 -4.57 -19.99
N GLY A 293 30.08 -3.98 -19.73
CA GLY A 293 28.90 -4.24 -20.53
C GLY A 293 28.18 -5.53 -20.20
N GLN A 294 28.67 -6.32 -19.27
CA GLN A 294 28.12 -7.66 -19.06
C GLN A 294 26.97 -7.64 -18.07
N CYS A 295 26.02 -8.55 -18.28
CA CYS A 295 24.79 -8.59 -17.50
C CYS A 295 25.06 -9.25 -16.15
N LEU A 296 24.65 -8.60 -15.06
CA LEU A 296 24.86 -9.14 -13.72
C LEU A 296 23.65 -9.89 -13.19
N LYS A 297 22.46 -9.55 -13.64
CA LYS A 297 21.26 -10.07 -12.99
C LYS A 297 20.08 -9.85 -13.92
N THR A 298 19.22 -10.86 -14.02
CA THR A 298 17.89 -10.67 -14.59
C THR A 298 16.85 -10.80 -13.47
N PRO A 305 4.33 -9.86 -18.07
CA PRO A 305 3.91 -8.59 -18.66
C PRO A 305 5.09 -7.73 -19.09
N PRO A 306 4.90 -6.90 -20.12
CA PRO A 306 5.94 -5.93 -20.48
C PRO A 306 6.33 -5.07 -19.27
N VAL A 307 7.63 -4.86 -19.12
CA VAL A 307 8.17 -3.89 -18.16
C VAL A 307 8.31 -2.56 -18.89
N SER A 308 7.59 -1.56 -18.43
CA SER A 308 7.48 -0.29 -19.14
C SER A 308 8.27 0.83 -18.49
N PHE A 309 8.84 0.62 -17.30
CA PHE A 309 9.72 1.62 -16.73
C PHE A 309 10.49 1.01 -15.57
N VAL A 310 11.75 1.44 -15.39
CA VAL A 310 12.54 1.11 -14.20
C VAL A 310 13.41 2.32 -13.84
N LYS A 311 13.78 2.40 -12.56
CA LYS A 311 14.84 3.30 -12.14
C LYS A 311 15.29 2.92 -10.74
N PHE A 312 16.56 3.21 -10.45
CA PHE A 312 17.11 3.00 -9.11
C PHE A 312 16.50 3.98 -8.10
N SER A 313 16.41 3.54 -6.86
CA SER A 313 15.97 4.38 -5.75
C SER A 313 17.08 5.34 -5.33
N PRO A 314 16.73 6.42 -4.61
CA PRO A 314 17.76 7.42 -4.26
C PRO A 314 18.93 6.82 -3.47
N ASN A 315 18.68 5.92 -2.52
CA ASN A 315 19.80 5.30 -1.82
C ASN A 315 20.55 4.27 -2.67
N GLY A 316 20.08 3.99 -3.89
CA GLY A 316 20.76 3.06 -4.76
C GLY A 316 20.48 1.59 -4.51
N LYS A 317 19.77 1.24 -3.44
CA LYS A 317 19.62 -0.17 -3.08
C LYS A 317 18.36 -0.82 -3.67
N TYR A 318 17.36 -0.04 -4.06
CA TYR A 318 16.12 -0.58 -4.62
C TYR A 318 15.99 -0.21 -6.09
N ILE A 319 15.08 -0.92 -6.77
CA ILE A 319 14.72 -0.63 -8.15
C ILE A 319 13.20 -0.57 -8.20
N LEU A 320 12.67 0.57 -8.64
CA LEU A 320 11.25 0.70 -8.88
C LEU A 320 10.98 0.31 -10.32
N ALA A 321 10.07 -0.64 -10.53
CA ALA A 321 9.76 -1.11 -11.87
C ALA A 321 8.25 -1.07 -12.12
N ALA A 322 7.85 -0.58 -13.28
CA ALA A 322 6.45 -0.56 -13.68
C ALA A 322 6.19 -1.61 -14.74
N THR A 323 5.03 -2.27 -14.67
CA THR A 323 4.62 -3.23 -15.67
C THR A 323 3.21 -2.91 -16.16
N LEU A 324 2.90 -3.38 -17.37
CA LEU A 324 1.66 -2.98 -18.04
C LEU A 324 0.47 -3.83 -17.57
N ASP A 325 0.51 -4.27 -16.32
CA ASP A 325 -0.67 -4.79 -15.62
C ASP A 325 -1.03 -3.87 -14.44
N ASN A 326 -0.94 -2.56 -14.67
CA ASN A 326 -1.38 -1.54 -13.71
C ASN A 326 -0.70 -1.71 -12.36
N THR A 327 0.60 -2.01 -12.39
CA THR A 327 1.34 -2.36 -11.18
C THR A 327 2.69 -1.68 -11.16
N LEU A 328 3.07 -1.20 -9.98
CA LEU A 328 4.43 -0.76 -9.68
C LEU A 328 4.95 -1.64 -8.56
N LYS A 329 6.23 -2.02 -8.63
CA LYS A 329 6.83 -2.83 -7.58
C LYS A 329 8.22 -2.31 -7.23
N LEU A 330 8.51 -2.31 -5.92
CA LEU A 330 9.83 -1.96 -5.42
C LEU A 330 10.64 -3.24 -5.23
N TRP A 331 11.83 -3.30 -5.83
CA TRP A 331 12.68 -4.48 -5.81
C TRP A 331 13.97 -4.20 -5.07
N ASP A 332 14.28 -5.02 -4.08
CA ASP A 332 15.64 -5.08 -3.57
C ASP A 332 16.42 -5.96 -4.54
N TYR A 333 17.36 -5.36 -5.28
CA TYR A 333 17.99 -6.14 -6.34
C TYR A 333 19.17 -6.95 -5.81
N SER A 334 19.82 -6.49 -4.74
CA SER A 334 20.86 -7.29 -4.11
C SER A 334 20.31 -8.64 -3.67
N LYS A 335 19.12 -8.66 -3.06
CA LYS A 335 18.45 -9.89 -2.67
C LYS A 335 17.54 -10.43 -3.78
N GLY A 336 17.31 -9.66 -4.84
CA GLY A 336 16.44 -10.12 -5.90
C GLY A 336 15.02 -10.40 -5.47
N LYS A 337 14.51 -9.65 -4.48
CA LYS A 337 13.17 -9.89 -3.94
C LYS A 337 12.32 -8.64 -4.03
N CYS A 338 11.03 -8.86 -4.25
CA CYS A 338 10.04 -7.79 -4.35
C CYS A 338 9.54 -7.43 -2.96
N LEU A 339 9.70 -6.15 -2.59
CA LEU A 339 9.40 -5.71 -1.23
C LEU A 339 8.04 -5.05 -1.08
N LYS A 340 7.58 -4.32 -2.09
CA LYS A 340 6.33 -3.56 -2.01
C LYS A 340 5.67 -3.56 -3.39
N THR A 341 4.35 -3.58 -3.40
CA THR A 341 3.56 -3.50 -4.63
C THR A 341 2.59 -2.33 -4.53
N TYR A 342 2.52 -1.51 -5.58
CA TYR A 342 1.64 -0.35 -5.59
C TYR A 342 0.65 -0.49 -6.73
N THR A 343 -0.65 -0.45 -6.41
CA THR A 343 -1.73 -0.57 -7.38
C THR A 343 -2.71 0.59 -7.16
N GLY A 344 -3.70 0.68 -8.05
CA GLY A 344 -4.72 1.71 -7.97
C GLY A 344 -4.87 2.52 -9.23
N HIS A 345 -3.78 2.64 -9.99
CA HIS A 345 -3.74 3.48 -11.18
C HIS A 345 -3.99 2.62 -12.41
N LYS A 346 -4.05 3.27 -13.57
CA LYS A 346 -4.28 2.58 -14.83
C LYS A 346 -3.02 2.71 -15.69
N ASN A 347 -2.38 1.57 -15.98
CA ASN A 347 -1.19 1.57 -16.82
C ASN A 347 -1.16 0.23 -17.56
N GLU A 348 -1.74 0.23 -18.76
CA GLU A 348 -1.77 -0.94 -19.64
C GLU A 348 -1.26 -0.66 -21.04
N LYS A 349 -0.97 0.59 -21.42
CA LYS A 349 -0.64 0.84 -22.81
C LYS A 349 0.65 1.62 -23.01
N TYR A 350 0.99 2.52 -22.09
CA TYR A 350 2.11 3.44 -22.28
C TYR A 350 3.21 3.20 -21.24
N CYS A 351 4.44 3.54 -21.63
CA CYS A 351 5.55 3.62 -20.70
C CYS A 351 5.46 4.93 -19.92
N ILE A 352 5.36 4.85 -18.59
CA ILE A 352 5.10 6.01 -17.77
C ILE A 352 6.25 6.19 -16.77
N PHE A 353 6.76 7.42 -16.68
CA PHE A 353 7.77 7.70 -15.67
C PHE A 353 7.15 7.58 -14.29
N ALA A 354 7.87 6.95 -13.36
CA ALA A 354 7.55 7.01 -11.95
C ALA A 354 8.75 7.56 -11.19
N ASN A 355 8.53 7.99 -9.95
CA ASN A 355 9.57 8.65 -9.18
C ASN A 355 9.47 8.27 -7.70
N PHE A 356 10.61 8.40 -7.02
CA PHE A 356 10.68 8.47 -5.57
C PHE A 356 10.69 9.94 -5.20
N SER A 357 9.71 10.36 -4.40
CA SER A 357 9.72 11.70 -3.81
C SER A 357 10.31 11.60 -2.40
N VAL A 358 11.35 12.41 -2.14
CA VAL A 358 12.08 12.32 -0.87
C VAL A 358 12.24 13.67 -0.18
N THR A 359 11.78 14.76 -0.79
CA THR A 359 11.98 16.07 -0.18
C THR A 359 11.14 16.22 1.08
N GLY A 360 10.05 15.48 1.19
CA GLY A 360 9.21 15.54 2.37
C GLY A 360 8.86 14.15 2.83
N GLY A 361 7.57 13.83 2.86
CA GLY A 361 7.18 12.44 3.02
C GLY A 361 7.69 11.58 1.89
N LYS A 362 7.94 10.32 2.19
CA LYS A 362 8.52 9.41 1.20
C LYS A 362 7.42 8.83 0.33
N TRP A 363 7.34 9.28 -0.92
CA TRP A 363 6.24 8.86 -1.78
C TRP A 363 6.78 8.11 -3.00
N ILE A 364 5.88 7.34 -3.60
CA ILE A 364 6.01 6.90 -4.99
C ILE A 364 5.06 7.76 -5.82
N VAL A 365 5.56 8.34 -6.89
CA VAL A 365 4.78 9.23 -7.74
C VAL A 365 4.79 8.68 -9.16
N SER A 366 3.62 8.64 -9.79
CA SER A 366 3.56 8.17 -11.16
C SER A 366 2.38 8.78 -11.88
N GLY A 367 2.50 8.84 -13.20
CA GLY A 367 1.38 9.18 -14.06
C GLY A 367 0.44 8.01 -14.21
N SER A 368 -0.61 8.23 -15.00
CA SER A 368 -1.64 7.23 -15.14
C SER A 368 -2.42 7.49 -16.42
N GLU A 369 -3.06 6.44 -16.93
CA GLU A 369 -3.83 6.53 -18.15
C GLU A 369 -5.26 7.02 -17.89
N ASP A 370 -5.62 7.29 -16.63
CA ASP A 370 -6.86 7.96 -16.32
C ASP A 370 -6.68 9.46 -16.06
N ASN A 371 -5.61 10.05 -16.58
CA ASN A 371 -5.37 11.49 -16.58
C ASN A 371 -5.07 12.07 -15.18
N LEU A 372 -4.70 11.21 -14.22
CA LEU A 372 -4.38 11.61 -12.86
C LEU A 372 -2.91 11.35 -12.57
N VAL A 373 -2.38 12.12 -11.62
CA VAL A 373 -1.09 11.85 -11.00
C VAL A 373 -1.33 11.09 -9.71
N TYR A 374 -0.69 9.93 -9.57
CA TYR A 374 -0.87 9.12 -8.37
C TYR A 374 0.31 9.27 -7.43
N ILE A 375 0.00 9.33 -6.12
CA ILE A 375 1.01 9.44 -5.06
C ILE A 375 0.72 8.39 -4.01
N TRP A 376 1.68 7.48 -3.79
CA TRP A 376 1.56 6.44 -2.78
C TRP A 376 2.52 6.71 -1.64
N ASN A 377 2.08 6.38 -0.42
CA ASN A 377 3.02 6.25 0.70
C ASN A 377 3.96 5.09 0.39
N LEU A 378 5.27 5.37 0.34
CA LEU A 378 6.23 4.33 -0.02
C LEU A 378 6.12 3.14 0.93
N GLN A 379 6.02 3.43 2.24
CA GLN A 379 6.07 2.39 3.26
C GLN A 379 4.76 1.59 3.35
N THR A 380 3.62 2.28 3.41
CA THR A 380 2.33 1.65 3.66
C THR A 380 1.65 1.14 2.39
N LYS A 381 2.08 1.64 1.22
CA LYS A 381 1.50 1.33 -0.08
C LYS A 381 0.12 1.94 -0.30
N GLU A 382 -0.35 2.79 0.62
CA GLU A 382 -1.61 3.50 0.43
C GLU A 382 -1.49 4.61 -0.60
N ILE A 383 -2.52 4.76 -1.44
CA ILE A 383 -2.72 5.99 -2.21
C ILE A 383 -3.05 7.12 -1.25
N VAL A 384 -2.24 8.18 -1.28
CA VAL A 384 -2.46 9.32 -0.39
C VAL A 384 -2.93 10.55 -1.16
N GLN A 385 -2.74 10.60 -2.47
CA GLN A 385 -3.27 11.71 -3.25
C GLN A 385 -3.37 11.31 -4.70
N LYS A 386 -4.35 11.89 -5.39
CA LYS A 386 -4.50 11.79 -6.83
C LYS A 386 -4.67 13.21 -7.38
N LEU A 387 -3.72 13.66 -8.18
CA LEU A 387 -3.70 15.05 -8.65
C LEU A 387 -4.54 15.15 -9.93
N GLN A 388 -5.61 15.93 -9.87
CA GLN A 388 -6.55 16.02 -10.97
C GLN A 388 -6.41 17.35 -11.72
N GLY A 389 -6.46 17.27 -13.04
CA GLY A 389 -6.31 18.47 -13.86
C GLY A 389 -5.97 18.18 -15.31
N HIS A 390 -5.05 17.25 -15.55
CA HIS A 390 -4.70 16.96 -16.93
C HIS A 390 -5.90 16.40 -17.69
N THR A 391 -5.91 16.63 -19.00
CA THR A 391 -6.98 16.19 -19.88
C THR A 391 -6.53 15.11 -20.85
N ASP A 392 -5.41 14.46 -20.59
CA ASP A 392 -4.95 13.31 -21.36
C ASP A 392 -4.04 12.48 -20.45
N VAL A 393 -3.57 11.35 -20.99
CA VAL A 393 -2.69 10.48 -20.24
C VAL A 393 -1.54 11.28 -19.65
N VAL A 394 -1.31 11.10 -18.35
CA VAL A 394 -0.15 11.72 -17.71
C VAL A 394 1.02 10.78 -17.97
N ILE A 395 1.88 11.17 -18.91
CA ILE A 395 2.93 10.28 -19.38
C ILE A 395 4.21 10.47 -18.60
N SER A 396 4.39 11.61 -17.95
CA SER A 396 5.64 11.97 -17.31
C SER A 396 5.34 12.67 -15.99
N THR A 397 6.07 12.30 -14.95
CA THR A 397 6.12 13.06 -13.70
C THR A 397 7.58 13.20 -13.29
N ALA A 398 7.88 14.26 -12.54
CA ALA A 398 9.21 14.48 -11.99
C ALA A 398 9.09 15.19 -10.65
N CYS A 399 10.04 14.91 -9.77
CA CYS A 399 10.04 15.48 -8.42
C CYS A 399 11.22 16.42 -8.25
N HIS A 400 10.95 17.61 -7.71
CA HIS A 400 11.98 18.63 -7.54
C HIS A 400 13.04 18.14 -6.54
N PRO A 401 14.32 18.47 -6.76
CA PRO A 401 15.38 17.88 -5.92
C PRO A 401 15.42 18.40 -4.49
N THR A 402 14.89 19.59 -4.18
CA THR A 402 14.91 20.10 -2.81
C THR A 402 13.58 20.62 -2.27
N GLU A 403 12.62 20.97 -3.12
CA GLU A 403 11.32 21.46 -2.67
C GLU A 403 10.23 20.44 -2.97
N ASN A 404 9.15 20.48 -2.17
CA ASN A 404 8.00 19.62 -2.38
C ASN A 404 7.21 20.12 -3.60
N ILE A 405 7.76 19.80 -4.78
CA ILE A 405 7.19 20.25 -6.05
C ILE A 405 7.18 19.09 -7.04
N ILE A 406 6.04 18.87 -7.68
CA ILE A 406 5.89 17.86 -8.72
C ILE A 406 5.60 18.56 -10.04
N ALA A 407 6.26 18.09 -11.09
CA ALA A 407 5.93 18.45 -12.47
C ALA A 407 5.29 17.25 -13.15
N SER A 408 4.28 17.51 -13.99
CA SER A 408 3.59 16.45 -14.71
C SER A 408 3.31 16.92 -16.14
N ALA A 409 3.22 15.96 -17.06
CA ALA A 409 3.06 16.26 -18.48
C ALA A 409 2.11 15.27 -19.10
N ALA A 410 1.43 15.68 -20.18
CA ALA A 410 0.38 14.85 -20.75
C ALA A 410 0.50 14.73 -22.27
N LEU A 411 -0.29 13.80 -22.82
CA LEU A 411 -0.31 13.50 -24.25
C LEU A 411 -1.16 14.52 -25.01
N GLU A 412 -1.39 14.26 -26.30
CA GLU A 412 -1.66 15.32 -27.26
C GLU A 412 -3.02 15.99 -27.09
N ASN A 413 -3.96 15.43 -26.33
CA ASN A 413 -5.20 16.17 -26.06
C ASN A 413 -5.00 17.26 -25.01
N ASP A 414 -3.81 17.30 -24.38
CA ASP A 414 -3.53 18.25 -23.31
C ASP A 414 -2.34 19.12 -23.70
N LYS A 415 -1.15 18.53 -23.87
CA LYS A 415 0.07 19.16 -24.36
C LYS A 415 0.73 20.12 -23.37
N THR A 416 0.21 20.27 -22.15
CA THR A 416 0.77 21.18 -21.17
C THR A 416 1.50 20.42 -20.07
N ILE A 417 2.39 21.14 -19.39
CA ILE A 417 3.07 20.68 -18.18
C ILE A 417 2.43 21.39 -16.99
N LYS A 418 2.27 20.70 -15.87
CA LYS A 418 1.73 21.32 -14.67
C LYS A 418 2.72 21.21 -13.54
N LEU A 419 2.80 22.26 -12.74
CA LEU A 419 3.62 22.31 -11.54
C LEU A 419 2.71 22.31 -10.32
N TRP A 420 2.93 21.35 -9.43
CA TRP A 420 2.12 21.17 -8.23
C TRP A 420 3.02 21.31 -7.01
N LYS A 421 2.49 21.91 -5.95
CA LYS A 421 3.26 22.19 -4.76
C LYS A 421 2.51 21.72 -3.51
N SER A 422 3.29 21.24 -2.54
CA SER A 422 2.77 20.68 -1.31
C SER A 422 3.45 21.33 -0.13
N ASP A 423 2.74 21.39 0.99
CA ASP A 423 3.28 21.92 2.23
C ASP A 423 4.16 20.93 2.97
N CYS A 424 4.27 19.69 2.47
CA CYS A 424 5.00 18.64 3.14
C CYS A 424 5.27 17.47 2.20
N PRO B 123 -21.42 -29.83 9.45
CA PRO B 123 -20.10 -29.35 9.87
C PRO B 123 -19.32 -30.42 10.60
N ASN B 124 -18.08 -30.64 10.19
CA ASN B 124 -17.23 -31.67 10.77
C ASN B 124 -15.84 -31.12 11.02
N TYR B 125 -15.77 -29.91 11.58
CA TYR B 125 -14.48 -29.33 11.92
C TYR B 125 -13.69 -30.30 12.77
N ALA B 126 -12.42 -30.43 12.43
CA ALA B 126 -11.49 -31.37 13.05
C ALA B 126 -10.13 -30.69 13.13
N LEU B 127 -9.43 -30.90 14.25
CA LEU B 127 -8.18 -30.19 14.50
C LEU B 127 -7.12 -30.60 13.49
N LYS B 128 -6.44 -29.61 12.92
CA LYS B 128 -5.38 -29.85 11.95
C LYS B 128 -4.01 -29.36 12.41
N PHE B 129 -3.94 -28.27 13.15
CA PHE B 129 -2.68 -27.68 13.55
C PHE B 129 -2.85 -26.97 14.89
N THR B 130 -1.85 -27.13 15.76
CA THR B 130 -1.76 -26.35 16.99
C THR B 130 -0.53 -25.45 16.84
N LEU B 131 -0.72 -24.16 17.07
CA LEU B 131 0.29 -23.14 16.82
C LEU B 131 0.80 -22.64 18.16
N ALA B 132 2.04 -22.96 18.50
CA ALA B 132 2.65 -22.57 19.77
C ALA B 132 3.67 -21.46 19.56
N GLY B 133 3.84 -20.64 20.60
CA GLY B 133 4.85 -19.61 20.56
C GLY B 133 4.59 -18.46 21.52
N HIS B 134 3.34 -18.06 21.68
CA HIS B 134 3.07 -17.02 22.67
C HIS B 134 3.39 -17.52 24.06
N THR B 135 3.81 -16.61 24.93
CA THR B 135 4.21 -16.98 26.28
C THR B 135 3.21 -16.55 27.34
N LYS B 136 2.10 -15.92 26.94
CA LYS B 136 1.00 -15.57 27.83
C LYS B 136 -0.30 -15.79 27.05
N ALA B 137 -1.42 -15.38 27.64
CA ALA B 137 -2.71 -15.59 26.99
C ALA B 137 -2.72 -14.98 25.59
N VAL B 138 -3.37 -15.68 24.67
CA VAL B 138 -3.61 -15.17 23.33
C VAL B 138 -4.90 -14.37 23.37
N SER B 139 -4.86 -13.13 22.90
CA SER B 139 -6.01 -12.24 23.03
C SER B 139 -6.95 -12.30 21.82
N SER B 140 -6.40 -12.34 20.61
CA SER B 140 -7.20 -12.26 19.39
C SER B 140 -6.46 -12.95 18.24
N VAL B 141 -7.20 -13.67 17.39
CA VAL B 141 -6.67 -14.23 16.13
C VAL B 141 -7.60 -13.80 15.00
N LYS B 142 -7.01 -13.36 13.87
CA LYS B 142 -7.76 -12.77 12.77
C LYS B 142 -7.14 -13.17 11.44
N PHE B 143 -7.93 -13.77 10.54
CA PHE B 143 -7.46 -14.12 9.20
C PHE B 143 -7.36 -12.91 8.30
N SER B 144 -6.26 -12.81 7.54
CA SER B 144 -6.12 -11.70 6.59
C SER B 144 -7.19 -11.80 5.51
N PRO B 145 -7.65 -10.67 4.97
CA PRO B 145 -8.72 -10.72 3.97
C PRO B 145 -8.35 -11.50 2.71
N ASN B 146 -7.08 -11.50 2.30
CA ASN B 146 -6.70 -12.32 1.17
C ASN B 146 -6.57 -13.80 1.52
N GLY B 147 -6.87 -14.18 2.77
CA GLY B 147 -6.88 -15.57 3.15
C GLY B 147 -5.53 -16.24 3.33
N GLU B 148 -4.43 -15.50 3.14
CA GLU B 148 -3.11 -16.10 3.20
C GLU B 148 -2.58 -16.22 4.63
N TRP B 149 -3.00 -15.36 5.55
CA TRP B 149 -2.30 -15.26 6.83
C TRP B 149 -3.26 -15.30 8.00
N LEU B 150 -2.73 -15.75 9.15
CA LEU B 150 -3.36 -15.57 10.45
C LEU B 150 -2.46 -14.72 11.31
N ALA B 151 -3.01 -13.64 11.87
CA ALA B 151 -2.32 -12.84 12.87
C ALA B 151 -2.88 -13.16 14.26
N SER B 152 -2.00 -13.19 15.25
CA SER B 152 -2.41 -13.38 16.62
C SER B 152 -1.82 -12.29 17.49
N SER B 153 -2.56 -11.87 18.50
CA SER B 153 -2.10 -10.93 19.49
C SER B 153 -2.12 -11.60 20.86
N SER B 154 -1.34 -11.06 21.79
CA SER B 154 -1.18 -11.76 23.05
C SER B 154 -0.85 -10.79 24.17
N ALA B 155 -1.16 -11.24 25.40
CA ALA B 155 -0.72 -10.50 26.56
C ALA B 155 0.79 -10.50 26.69
N ASP B 156 1.51 -11.28 25.90
CA ASP B 156 2.96 -11.24 25.95
C ASP B 156 3.56 -10.09 25.17
N LYS B 157 2.74 -9.12 24.75
CA LYS B 157 3.12 -7.91 24.02
C LYS B 157 3.46 -8.17 22.56
N LEU B 158 3.32 -9.41 22.08
CA LEU B 158 3.75 -9.79 20.74
C LEU B 158 2.56 -10.00 19.81
N ILE B 159 2.77 -9.65 18.54
CA ILE B 159 1.97 -10.12 17.41
C ILE B 159 2.76 -11.21 16.69
N LYS B 160 2.09 -12.29 16.30
CA LYS B 160 2.68 -13.34 15.49
C LYS B 160 1.83 -13.57 14.24
N ILE B 161 2.50 -13.79 13.11
CA ILE B 161 1.87 -14.06 11.83
C ILE B 161 2.11 -15.52 11.46
N TRP B 162 1.06 -16.18 10.98
CA TRP B 162 1.11 -17.60 10.66
C TRP B 162 0.45 -17.81 9.32
N GLY B 163 0.88 -18.85 8.60
CA GLY B 163 0.18 -19.27 7.42
C GLY B 163 -1.23 -19.71 7.74
N ALA B 164 -2.22 -19.21 6.98
CA ALA B 164 -3.61 -19.48 7.33
C ALA B 164 -4.01 -20.94 7.08
N TYR B 165 -3.32 -21.64 6.18
CA TYR B 165 -3.68 -23.00 5.79
C TYR B 165 -2.91 -24.08 6.54
N ASP B 166 -1.63 -23.84 6.84
CA ASP B 166 -0.79 -24.85 7.47
C ASP B 166 -0.31 -24.44 8.85
N GLY B 167 -0.66 -23.25 9.33
CA GLY B 167 -0.20 -22.78 10.63
C GLY B 167 1.29 -22.49 10.72
N LYS B 168 2.02 -22.50 9.60
CA LYS B 168 3.46 -22.32 9.66
C LYS B 168 3.80 -20.93 10.18
N PHE B 169 4.64 -20.88 11.21
CA PHE B 169 5.05 -19.61 11.79
C PHE B 169 5.81 -18.79 10.75
N GLU B 170 5.49 -17.50 10.68
CA GLU B 170 6.11 -16.61 9.71
C GLU B 170 7.01 -15.57 10.37
N LYS B 171 6.55 -14.89 11.42
CA LYS B 171 7.34 -13.83 12.02
C LYS B 171 6.69 -13.37 13.33
N THR B 172 7.52 -12.75 14.16
CA THR B 172 7.07 -12.10 15.39
C THR B 172 7.18 -10.59 15.20
N ILE B 173 6.15 -9.88 15.57
CA ILE B 173 6.11 -8.42 15.43
C ILE B 173 6.04 -7.84 16.83
N SER B 174 6.94 -6.90 17.13
CA SER B 174 7.12 -6.44 18.50
C SER B 174 7.30 -4.93 18.53
N GLY B 175 6.79 -4.32 19.59
CA GLY B 175 6.99 -2.90 19.84
C GLY B 175 6.13 -2.33 20.95
N HIS B 176 4.93 -2.90 21.15
CA HIS B 176 4.09 -2.45 22.25
C HIS B 176 4.79 -2.71 23.58
N LYS B 177 4.60 -1.79 24.53
CA LYS B 177 5.24 -1.86 25.84
C LYS B 177 4.49 -2.74 26.82
N LEU B 178 3.20 -2.99 26.59
CA LEU B 178 2.39 -3.85 27.47
C LEU B 178 1.58 -4.79 26.60
N GLY B 179 0.70 -5.56 27.25
CA GLY B 179 -0.02 -6.60 26.53
C GLY B 179 -0.95 -6.03 25.47
N ILE B 180 -1.21 -6.85 24.44
CA ILE B 180 -2.08 -6.51 23.32
C ILE B 180 -3.37 -7.30 23.45
N SER B 181 -4.50 -6.60 23.33
CA SER B 181 -5.81 -7.23 23.43
C SER B 181 -6.44 -7.57 22.09
N ASP B 182 -6.01 -6.95 20.99
CA ASP B 182 -6.73 -7.10 19.73
C ASP B 182 -5.83 -6.72 18.55
N VAL B 183 -6.16 -7.26 17.37
CA VAL B 183 -5.53 -6.91 16.11
C VAL B 183 -6.60 -6.92 15.03
N ALA B 184 -6.34 -6.21 13.94
CA ALA B 184 -7.29 -6.22 12.82
C ALA B 184 -6.57 -5.86 11.53
N TRP B 185 -7.05 -6.42 10.43
CA TRP B 185 -6.38 -6.31 9.14
C TRP B 185 -6.96 -5.18 8.30
N SER B 186 -6.08 -4.55 7.51
CA SER B 186 -6.55 -3.65 6.47
C SER B 186 -7.13 -4.47 5.33
N SER B 187 -8.06 -3.86 4.58
CA SER B 187 -8.76 -4.57 3.52
C SER B 187 -7.81 -5.22 2.53
N ASP B 188 -6.67 -4.59 2.24
CA ASP B 188 -5.72 -5.13 1.28
C ASP B 188 -4.65 -6.02 1.92
N SER B 189 -4.84 -6.42 3.17
CA SER B 189 -3.96 -7.35 3.89
C SER B 189 -2.55 -6.80 4.12
N ASN B 190 -2.27 -5.54 3.72
CA ASN B 190 -0.95 -4.95 3.91
C ASN B 190 -0.71 -4.52 5.36
N LEU B 191 -1.72 -3.99 6.05
CA LEU B 191 -1.53 -3.38 7.36
C LEU B 191 -2.26 -4.16 8.44
N LEU B 192 -1.69 -4.10 9.65
CA LEU B 192 -2.34 -4.50 10.89
C LEU B 192 -2.47 -3.30 11.81
N VAL B 193 -3.55 -3.26 12.58
CA VAL B 193 -3.65 -2.37 13.72
C VAL B 193 -3.80 -3.23 14.97
N SER B 194 -3.19 -2.78 16.08
CA SER B 194 -3.26 -3.51 17.34
C SER B 194 -3.62 -2.56 18.47
N ALA B 195 -4.32 -3.11 19.46
CA ALA B 195 -4.79 -2.36 20.63
C ALA B 195 -4.14 -2.92 21.87
N SER B 196 -3.48 -2.06 22.65
CA SER B 196 -2.60 -2.49 23.72
C SER B 196 -2.94 -1.80 25.02
N ASP B 197 -2.57 -2.45 26.14
CA ASP B 197 -2.68 -1.85 27.46
C ASP B 197 -1.77 -0.64 27.62
N ASP B 198 -0.77 -0.46 26.74
CA ASP B 198 0.07 0.74 26.82
C ASP B 198 -0.65 1.99 26.32
N LYS B 199 -1.98 1.92 26.18
CA LYS B 199 -2.88 3.02 25.85
C LYS B 199 -2.76 3.49 24.40
N THR B 200 -2.02 2.78 23.54
CA THR B 200 -1.91 3.17 22.14
C THR B 200 -2.47 2.09 21.25
N LEU B 201 -2.78 2.47 20.01
CA LEU B 201 -2.82 1.51 18.92
C LEU B 201 -1.61 1.74 18.05
N LYS B 202 -1.20 0.70 17.33
CA LYS B 202 -0.10 0.80 16.39
C LYS B 202 -0.52 0.22 15.05
N ILE B 203 -0.08 0.87 13.98
CA ILE B 203 -0.29 0.42 12.62
C ILE B 203 1.03 -0.19 12.16
N TRP B 204 0.95 -1.40 11.63
CA TRP B 204 2.14 -2.17 11.26
C TRP B 204 2.11 -2.51 9.78
N ASP B 205 3.30 -2.55 9.18
CA ASP B 205 3.47 -3.11 7.85
C ASP B 205 3.79 -4.59 8.02
N VAL B 206 2.85 -5.45 7.60
CA VAL B 206 2.97 -6.86 7.92
C VAL B 206 4.20 -7.46 7.27
N SER B 207 4.45 -7.11 6.01
CA SER B 207 5.55 -7.74 5.29
C SER B 207 6.90 -7.42 5.92
N SER B 208 7.07 -6.19 6.42
CA SER B 208 8.33 -5.81 7.05
C SER B 208 8.29 -5.90 8.57
N GLY B 209 7.11 -6.04 9.17
CA GLY B 209 7.02 -6.03 10.63
C GLY B 209 7.29 -4.69 11.27
N LYS B 210 7.46 -3.64 10.47
CA LYS B 210 7.77 -2.31 10.99
C LYS B 210 6.52 -1.62 11.52
N CYS B 211 6.67 -0.96 12.67
CA CYS B 211 5.63 -0.09 13.22
C CYS B 211 5.60 1.21 12.42
N LEU B 212 4.53 1.44 11.68
CA LEU B 212 4.46 2.63 10.85
C LEU B 212 3.96 3.85 11.61
N LYS B 213 2.94 3.68 12.45
CA LYS B 213 2.35 4.78 13.21
C LYS B 213 1.95 4.29 14.59
N THR B 214 1.96 5.20 15.55
CA THR B 214 1.52 4.92 16.91
C THR B 214 0.40 5.91 17.23
N LEU B 215 -0.80 5.38 17.48
CA LEU B 215 -2.00 6.20 17.64
C LEU B 215 -2.20 6.47 19.11
N LYS B 216 -1.95 7.71 19.52
CA LYS B 216 -2.01 8.09 20.93
C LYS B 216 -3.20 9.00 21.16
N GLY B 217 -3.83 8.85 22.31
CA GLY B 217 -5.01 9.64 22.61
C GLY B 217 -5.88 9.04 23.70
N HIS B 218 -5.99 7.71 23.73
CA HIS B 218 -6.73 7.07 24.80
C HIS B 218 -5.99 7.28 26.12
N SER B 219 -6.74 7.31 27.21
CA SER B 219 -6.17 7.56 28.53
C SER B 219 -6.21 6.32 29.41
N ASN B 220 -6.57 5.18 28.82
CA ASN B 220 -6.53 3.88 29.49
C ASN B 220 -6.30 2.83 28.41
N TYR B 221 -6.27 1.55 28.81
CA TYR B 221 -6.04 0.43 27.91
C TYR B 221 -6.97 0.52 26.71
N VAL B 222 -6.43 0.24 25.52
CA VAL B 222 -7.24 0.09 24.32
C VAL B 222 -7.58 -1.39 24.21
N PHE B 223 -8.87 -1.70 24.16
CA PHE B 223 -9.32 -3.08 24.23
C PHE B 223 -9.63 -3.69 22.87
N CYS B 224 -10.21 -2.93 21.95
CA CYS B 224 -10.71 -3.47 20.70
C CYS B 224 -10.46 -2.47 19.56
N CYS B 225 -10.36 -3.00 18.34
CA CYS B 225 -10.05 -2.17 17.18
C CYS B 225 -10.53 -2.83 15.89
N ASN B 226 -10.63 -2.03 14.83
CA ASN B 226 -11.07 -2.51 13.52
C ASN B 226 -10.85 -1.41 12.49
N PHE B 227 -10.43 -1.79 11.29
CA PHE B 227 -10.48 -0.91 10.12
C PHE B 227 -11.90 -0.84 9.57
N ASN B 228 -12.22 0.24 8.86
CA ASN B 228 -13.44 0.28 8.05
C ASN B 228 -13.16 -0.42 6.71
N PRO B 229 -14.21 -0.75 5.96
CA PRO B 229 -13.98 -1.49 4.70
C PRO B 229 -13.07 -0.79 3.72
N GLN B 230 -13.18 0.54 3.59
CA GLN B 230 -12.23 1.27 2.77
C GLN B 230 -10.84 1.30 3.39
N SER B 231 -10.72 0.97 4.68
CA SER B 231 -9.48 0.96 5.45
C SER B 231 -8.82 2.33 5.50
N ASN B 232 -9.58 3.40 5.31
CA ASN B 232 -9.05 4.74 5.56
C ASN B 232 -9.31 5.22 6.98
N LEU B 233 -10.09 4.47 7.76
CA LEU B 233 -10.37 4.80 9.15
C LEU B 233 -10.08 3.60 10.05
N ILE B 234 -9.73 3.89 11.30
CA ILE B 234 -9.67 2.89 12.36
C ILE B 234 -10.64 3.30 13.46
N VAL B 235 -11.33 2.32 14.05
CA VAL B 235 -12.12 2.56 15.25
C VAL B 235 -11.52 1.78 16.41
N SER B 236 -11.58 2.37 17.61
CA SER B 236 -11.00 1.81 18.83
C SER B 236 -11.94 2.00 20.01
N GLY B 237 -11.97 1.00 20.89
CA GLY B 237 -12.72 1.07 22.14
C GLY B 237 -11.79 0.84 23.31
N SER B 238 -12.00 1.59 24.39
CA SER B 238 -11.01 1.64 25.46
C SER B 238 -11.65 1.53 26.84
N PHE B 239 -10.82 1.17 27.81
CA PHE B 239 -11.25 1.24 29.20
C PHE B 239 -11.50 2.67 29.66
N ASP B 240 -11.06 3.68 28.89
CA ASP B 240 -11.46 5.05 29.20
C ASP B 240 -12.90 5.33 28.83
N GLU B 241 -13.62 4.37 28.27
CA GLU B 241 -15.06 4.38 28.06
C GLU B 241 -15.40 5.12 26.77
N SER B 242 -14.40 5.58 26.03
CA SER B 242 -14.62 6.29 24.78
C SER B 242 -14.43 5.35 23.59
N VAL B 243 -15.03 5.75 22.48
CA VAL B 243 -14.76 5.17 21.16
C VAL B 243 -14.06 6.25 20.36
N ARG B 244 -13.00 5.88 19.65
CA ARG B 244 -12.24 6.86 18.87
C ARG B 244 -12.14 6.44 17.42
N ILE B 245 -12.30 7.42 16.52
CA ILE B 245 -12.17 7.22 15.09
C ILE B 245 -10.88 7.88 14.61
N TRP B 246 -10.02 7.11 13.93
CA TRP B 246 -8.68 7.56 13.60
C TRP B 246 -8.49 7.60 12.10
N ASP B 247 -7.75 8.60 11.63
CA ASP B 247 -7.39 8.69 10.21
C ASP B 247 -6.17 7.84 9.95
N VAL B 248 -6.33 6.80 9.12
CA VAL B 248 -5.24 5.85 8.90
C VAL B 248 -4.02 6.54 8.30
N LYS B 249 -4.23 7.40 7.30
CA LYS B 249 -3.09 7.97 6.57
C LYS B 249 -2.23 8.85 7.46
N THR B 250 -2.87 9.58 8.39
CA THR B 250 -2.17 10.47 9.31
C THR B 250 -1.82 9.80 10.63
N GLY B 251 -2.67 8.89 11.12
CA GLY B 251 -2.61 8.49 12.50
C GLY B 251 -3.30 9.44 13.46
N LYS B 252 -3.93 10.49 12.94
CA LYS B 252 -4.57 11.49 13.79
C LYS B 252 -5.95 11.00 14.22
N CYS B 253 -6.34 11.35 15.46
CA CYS B 253 -7.67 11.05 15.93
C CYS B 253 -8.66 12.08 15.35
N LEU B 254 -9.66 11.59 14.62
CA LEU B 254 -10.65 12.48 14.03
C LEU B 254 -11.81 12.78 14.98
N LYS B 255 -12.31 11.77 15.70
CA LYS B 255 -13.41 11.97 16.63
C LYS B 255 -13.19 11.13 17.87
N THR B 256 -13.69 11.64 19.00
CA THR B 256 -13.77 10.89 20.25
C THR B 256 -15.23 10.84 20.68
N LEU B 257 -15.80 9.64 20.70
CA LEU B 257 -17.20 9.48 21.06
C LEU B 257 -17.33 9.16 22.54
N PRO B 258 -18.07 9.96 23.35
CA PRO B 258 -18.34 9.57 24.74
C PRO B 258 -19.33 8.41 24.78
N ALA B 259 -18.89 7.23 24.33
CA ALA B 259 -19.81 6.20 23.86
C ALA B 259 -20.53 5.49 25.01
N HIS B 260 -19.88 5.32 26.15
CA HIS B 260 -20.40 4.43 27.17
C HIS B 260 -20.00 4.94 28.55
N SER B 261 -20.55 4.28 29.58
CA SER B 261 -20.28 4.60 30.97
C SER B 261 -19.47 3.49 31.65
N ASP B 262 -18.91 2.57 30.88
CA ASP B 262 -17.99 1.54 31.34
C ASP B 262 -17.08 1.20 30.19
N PRO B 263 -15.97 0.50 30.43
CA PRO B 263 -15.10 0.05 29.32
C PRO B 263 -15.84 -0.48 28.11
N VAL B 264 -15.30 -0.19 26.92
CA VAL B 264 -15.92 -0.57 25.65
C VAL B 264 -15.45 -1.98 25.31
N SER B 265 -16.39 -2.92 25.18
CA SER B 265 -16.01 -4.30 24.92
C SER B 265 -15.78 -4.61 23.44
N ALA B 266 -16.35 -3.83 22.51
CA ALA B 266 -16.23 -4.19 21.10
C ALA B 266 -16.58 -2.98 20.21
N VAL B 267 -15.95 -2.90 19.04
CA VAL B 267 -16.27 -1.91 18.01
C VAL B 267 -16.21 -2.58 16.63
N HIS B 268 -17.15 -2.22 15.75
CA HIS B 268 -17.17 -2.85 14.45
C HIS B 268 -17.89 -1.96 13.44
N PHE B 269 -17.31 -1.84 12.25
CA PHE B 269 -17.89 -1.09 11.14
C PHE B 269 -18.81 -1.99 10.32
N ASN B 270 -19.87 -1.39 9.79
CA ASN B 270 -20.73 -2.11 8.86
C ASN B 270 -20.04 -2.17 7.48
N ARG B 271 -20.76 -2.66 6.46
CA ARG B 271 -20.13 -3.05 5.21
C ARG B 271 -19.71 -1.88 4.33
N ASP B 272 -20.29 -0.68 4.49
CA ASP B 272 -19.78 0.49 3.78
C ASP B 272 -19.14 1.50 4.71
N GLY B 273 -18.87 1.12 5.96
CA GLY B 273 -18.22 2.02 6.90
C GLY B 273 -19.05 3.18 7.39
N SER B 274 -20.33 3.28 6.99
CA SER B 274 -21.15 4.40 7.44
C SER B 274 -21.60 4.24 8.88
N LEU B 275 -21.60 3.03 9.42
CA LEU B 275 -22.05 2.78 10.79
C LEU B 275 -20.95 2.14 11.61
N ILE B 276 -21.00 2.42 12.92
CA ILE B 276 -20.19 1.77 13.93
C ILE B 276 -21.13 1.20 14.98
N VAL B 277 -20.93 -0.06 15.34
CA VAL B 277 -21.63 -0.64 16.48
C VAL B 277 -20.63 -0.82 17.62
N SER B 278 -21.01 -0.36 18.82
CA SER B 278 -20.16 -0.52 20.00
C SER B 278 -20.95 -1.19 21.11
N SER B 279 -20.24 -1.86 22.01
CA SER B 279 -20.84 -2.52 23.17
C SER B 279 -20.02 -2.23 24.42
N SER B 280 -20.64 -2.46 25.58
CA SER B 280 -19.94 -2.13 26.81
C SER B 280 -20.49 -2.96 27.96
N TYR B 281 -19.69 -3.05 29.03
CA TYR B 281 -20.18 -3.64 30.27
C TYR B 281 -21.29 -2.81 30.89
N ASP B 282 -21.47 -1.57 30.44
CA ASP B 282 -22.60 -0.81 30.97
C ASP B 282 -23.95 -1.42 30.57
N GLY B 283 -23.97 -2.41 29.69
CA GLY B 283 -25.21 -3.05 29.30
C GLY B 283 -25.78 -2.54 27.99
N LEU B 284 -25.11 -1.60 27.34
CA LEU B 284 -25.64 -0.94 26.17
C LEU B 284 -24.93 -1.43 24.91
N CYS B 285 -25.70 -1.56 23.84
CA CYS B 285 -25.18 -1.66 22.49
CA CYS B 285 -25.20 -1.68 22.49
C CYS B 285 -25.67 -0.46 21.72
N ARG B 286 -24.74 0.27 21.10
CA ARG B 286 -25.06 1.52 20.42
C ARG B 286 -24.55 1.49 18.99
N ILE B 287 -25.29 2.16 18.11
CA ILE B 287 -24.90 2.30 16.70
C ILE B 287 -24.67 3.78 16.43
N TRP B 288 -23.51 4.09 15.86
CA TRP B 288 -23.04 5.45 15.67
C TRP B 288 -22.97 5.78 14.19
N ASP B 289 -23.33 7.02 13.87
CA ASP B 289 -23.09 7.55 12.53
C ASP B 289 -21.62 7.92 12.39
N THR B 290 -20.87 7.10 11.63
CA THR B 290 -19.45 7.31 11.45
C THR B 290 -19.12 8.76 11.08
N ALA B 291 -19.90 9.35 10.17
CA ALA B 291 -19.54 10.65 9.58
C ALA B 291 -19.72 11.81 10.56
N SER B 292 -20.71 11.74 11.44
CA SER B 292 -20.93 12.80 12.42
C SER B 292 -20.55 12.40 13.84
N GLY B 293 -20.27 11.13 14.08
CA GLY B 293 -20.07 10.65 15.42
C GLY B 293 -21.30 10.59 16.29
N GLN B 294 -22.48 10.93 15.76
CA GLN B 294 -23.68 11.02 16.58
C GLN B 294 -24.34 9.66 16.71
N CYS B 295 -24.94 9.40 17.89
CA CYS B 295 -25.60 8.13 18.14
C CYS B 295 -26.90 8.04 17.34
N LEU B 296 -27.05 6.95 16.57
CA LEU B 296 -28.27 6.71 15.80
C LEU B 296 -29.28 5.86 16.55
N LYS B 297 -28.84 5.04 17.50
CA LYS B 297 -29.70 3.97 17.98
C LYS B 297 -29.06 3.26 19.16
N THR B 298 -29.86 2.99 20.19
CA THR B 298 -29.42 2.24 21.35
C THR B 298 -30.29 0.99 21.48
N PRO B 305 -27.82 -7.20 31.34
CA PRO B 305 -26.49 -7.73 31.57
C PRO B 305 -25.44 -7.04 30.70
N PRO B 306 -24.19 -7.06 31.16
CA PRO B 306 -23.11 -6.46 30.37
C PRO B 306 -23.01 -7.07 28.97
N VAL B 307 -22.87 -6.20 27.97
CA VAL B 307 -22.67 -6.64 26.59
C VAL B 307 -21.17 -6.78 26.37
N SER B 308 -20.73 -8.00 26.13
CA SER B 308 -19.31 -8.31 26.02
C SER B 308 -18.82 -8.40 24.58
N PHE B 309 -19.71 -8.53 23.59
CA PHE B 309 -19.24 -8.53 22.20
C PHE B 309 -20.37 -8.13 21.25
N VAL B 310 -20.03 -7.41 20.17
CA VAL B 310 -20.96 -7.07 19.09
C VAL B 310 -20.22 -7.10 17.76
N LYS B 311 -20.99 -7.38 16.70
CA LYS B 311 -20.46 -7.48 15.35
C LYS B 311 -21.58 -7.49 14.31
N PHE B 312 -21.41 -6.70 13.25
CA PHE B 312 -22.30 -6.75 12.10
C PHE B 312 -22.16 -8.07 11.33
N SER B 313 -23.28 -8.57 10.81
CA SER B 313 -23.27 -9.76 9.98
C SER B 313 -22.63 -9.46 8.62
N PRO B 314 -22.24 -10.49 7.87
CA PRO B 314 -21.66 -10.24 6.54
C PRO B 314 -22.56 -9.44 5.61
N ASN B 315 -23.88 -9.68 5.61
CA ASN B 315 -24.74 -8.91 4.72
C ASN B 315 -25.08 -7.53 5.28
N GLY B 316 -24.56 -7.16 6.45
CA GLY B 316 -24.74 -5.84 6.99
C GLY B 316 -26.06 -5.56 7.68
N LYS B 317 -27.05 -6.44 7.56
CA LYS B 317 -28.37 -6.13 8.10
C LYS B 317 -28.56 -6.55 9.57
N TYR B 318 -27.73 -7.44 10.08
CA TYR B 318 -27.90 -7.97 11.42
C TYR B 318 -26.71 -7.60 12.30
N ILE B 319 -26.93 -7.67 13.61
CA ILE B 319 -25.88 -7.47 14.59
C ILE B 319 -25.91 -8.65 15.56
N LEU B 320 -24.75 -9.28 15.76
CA LEU B 320 -24.60 -10.35 16.74
C LEU B 320 -24.05 -9.75 18.03
N ALA B 321 -24.76 -9.96 19.14
CA ALA B 321 -24.35 -9.39 20.42
C ALA B 321 -24.30 -10.46 21.50
N ALA B 322 -23.17 -10.54 22.20
CA ALA B 322 -23.01 -11.44 23.33
C ALA B 322 -23.22 -10.66 24.62
N THR B 323 -23.82 -11.34 25.60
CA THR B 323 -23.98 -10.75 26.93
C THR B 323 -23.50 -11.75 27.98
N LEU B 324 -23.12 -11.21 29.14
CA LEU B 324 -22.53 -12.05 30.19
C LEU B 324 -23.59 -12.82 30.98
N ASP B 325 -24.67 -13.22 30.30
CA ASP B 325 -25.61 -14.20 30.84
C ASP B 325 -25.59 -15.47 29.99
N ASN B 326 -24.43 -15.83 29.44
CA ASN B 326 -24.28 -17.03 28.60
C ASN B 326 -25.24 -17.00 27.41
N THR B 327 -25.40 -15.83 26.78
CA THR B 327 -26.36 -15.69 25.71
C THR B 327 -25.76 -14.93 24.55
N LEU B 328 -26.03 -15.42 23.34
CA LEU B 328 -25.77 -14.72 22.09
C LEU B 328 -27.11 -14.42 21.42
N LYS B 329 -27.25 -13.21 20.90
CA LYS B 329 -28.48 -12.79 20.26
C LYS B 329 -28.18 -12.14 18.91
N LEU B 330 -28.95 -12.54 17.90
CA LEU B 330 -28.92 -11.92 16.58
C LEU B 330 -30.00 -10.86 16.51
N TRP B 331 -29.62 -9.65 16.10
CA TRP B 331 -30.53 -8.52 16.12
C TRP B 331 -30.68 -7.96 14.71
N ASP B 332 -31.90 -7.56 14.39
CA ASP B 332 -32.16 -6.69 13.25
C ASP B 332 -32.24 -5.28 13.79
N TYR B 333 -31.24 -4.44 13.48
CA TYR B 333 -31.21 -3.13 14.12
C TYR B 333 -32.12 -2.12 13.44
N SER B 334 -32.44 -2.30 12.15
CA SER B 334 -33.49 -1.51 11.54
C SER B 334 -34.80 -1.68 12.31
N LYS B 335 -35.26 -2.94 12.42
CA LYS B 335 -36.43 -3.28 13.21
C LYS B 335 -36.14 -3.31 14.71
N GLY B 336 -34.89 -3.06 15.12
CA GLY B 336 -34.51 -3.11 16.53
C GLY B 336 -35.00 -4.34 17.27
N LYS B 337 -35.07 -5.49 16.58
CA LYS B 337 -35.70 -6.69 17.10
C LYS B 337 -34.71 -7.84 17.16
N CYS B 338 -34.81 -8.65 18.20
CA CYS B 338 -33.98 -9.83 18.37
C CYS B 338 -34.61 -11.00 17.62
N LEU B 339 -33.89 -11.50 16.61
CA LEU B 339 -34.41 -12.53 15.70
C LEU B 339 -34.09 -13.95 16.14
N LYS B 340 -32.98 -14.14 16.86
CA LYS B 340 -32.46 -15.45 17.19
C LYS B 340 -31.67 -15.34 18.48
N THR B 341 -31.65 -16.42 19.25
CA THR B 341 -30.89 -16.47 20.49
C THR B 341 -30.12 -17.78 20.53
N TYR B 342 -28.93 -17.74 21.11
CA TYR B 342 -28.04 -18.90 21.13
C TYR B 342 -27.54 -19.13 22.54
N THR B 343 -27.67 -20.36 23.03
CA THR B 343 -27.32 -20.75 24.39
C THR B 343 -26.70 -22.14 24.37
N GLY B 344 -26.28 -22.59 25.56
CA GLY B 344 -25.59 -23.86 25.72
C GLY B 344 -24.12 -23.71 26.08
N HIS B 345 -23.52 -22.58 25.74
CA HIS B 345 -22.14 -22.27 26.09
C HIS B 345 -22.08 -21.49 27.40
N LYS B 346 -20.86 -21.30 27.89
CA LYS B 346 -20.60 -20.61 29.15
C LYS B 346 -19.90 -19.28 28.85
N ASN B 347 -20.51 -18.18 29.27
CA ASN B 347 -19.91 -16.87 29.02
C ASN B 347 -20.52 -15.90 30.04
N GLU B 348 -19.82 -15.74 31.16
CA GLU B 348 -20.23 -14.75 32.15
C GLU B 348 -19.06 -14.01 32.77
N LYS B 349 -17.83 -14.26 32.31
CA LYS B 349 -16.63 -13.59 32.83
C LYS B 349 -15.91 -12.76 31.78
N TYR B 350 -15.68 -13.31 30.59
CA TYR B 350 -14.79 -12.68 29.62
C TYR B 350 -15.55 -12.18 28.40
N CYS B 351 -14.93 -11.22 27.71
CA CYS B 351 -15.39 -10.84 26.39
C CYS B 351 -14.83 -11.84 25.39
N ILE B 352 -15.72 -12.48 24.64
CA ILE B 352 -15.37 -13.62 23.78
C ILE B 352 -15.76 -13.30 22.34
N PHE B 353 -14.80 -13.42 21.41
CA PHE B 353 -15.13 -13.20 20.00
C PHE B 353 -16.14 -14.23 19.52
N ALA B 354 -17.13 -13.77 18.76
CA ALA B 354 -18.05 -14.66 18.07
C ALA B 354 -18.08 -14.26 16.60
N ASN B 355 -18.54 -15.17 15.73
CA ASN B 355 -18.41 -14.99 14.30
C ASN B 355 -19.63 -15.54 13.57
N PHE B 356 -19.85 -14.99 12.38
CA PHE B 356 -20.69 -15.59 11.36
C PHE B 356 -19.80 -16.42 10.45
N SER B 357 -20.12 -17.70 10.30
CA SER B 357 -19.41 -18.55 9.35
C SER B 357 -20.29 -18.70 8.12
N VAL B 358 -19.77 -18.28 6.96
CA VAL B 358 -20.56 -18.19 5.74
C VAL B 358 -19.93 -18.92 4.56
N THR B 359 -18.77 -19.56 4.75
CA THR B 359 -18.11 -20.21 3.64
C THR B 359 -18.81 -21.50 3.24
N GLY B 360 -19.43 -22.19 4.19
CA GLY B 360 -20.14 -23.42 3.94
C GLY B 360 -21.56 -23.28 4.42
N GLY B 361 -21.98 -24.10 5.39
CA GLY B 361 -23.23 -23.82 6.06
C GLY B 361 -23.14 -22.55 6.89
N LYS B 362 -24.30 -21.99 7.21
CA LYS B 362 -24.38 -20.70 7.90
C LYS B 362 -24.40 -20.96 9.40
N TRP B 363 -23.25 -20.77 10.05
CA TRP B 363 -23.13 -21.05 11.46
C TRP B 363 -22.89 -19.75 12.25
N ILE B 364 -23.16 -19.85 13.55
CA ILE B 364 -22.62 -18.93 14.56
C ILE B 364 -21.50 -19.65 15.28
N VAL B 365 -20.36 -18.99 15.42
CA VAL B 365 -19.18 -19.57 16.05
C VAL B 365 -18.79 -18.70 17.23
N SER B 366 -18.34 -19.32 18.32
CA SER B 366 -17.96 -18.59 19.51
C SER B 366 -17.11 -19.46 20.40
N GLY B 367 -16.21 -18.83 21.14
CA GLY B 367 -15.50 -19.47 22.21
C GLY B 367 -16.40 -19.67 23.41
N SER B 368 -15.81 -20.14 24.50
CA SER B 368 -16.58 -20.45 25.69
C SER B 368 -15.62 -20.68 26.85
N GLU B 369 -16.14 -20.49 28.06
CA GLU B 369 -15.32 -20.57 29.27
C GLU B 369 -15.20 -22.00 29.78
N ASP B 370 -15.85 -22.96 29.12
CA ASP B 370 -15.64 -24.37 29.37
C ASP B 370 -14.64 -24.99 28.39
N ASN B 371 -13.80 -24.16 27.78
CA ASN B 371 -12.66 -24.57 26.97
C ASN B 371 -13.06 -25.22 25.64
N LEU B 372 -14.25 -24.90 25.12
CA LEU B 372 -14.74 -25.48 23.89
C LEU B 372 -15.12 -24.38 22.89
N VAL B 373 -15.02 -24.71 21.61
CA VAL B 373 -15.55 -23.88 20.53
C VAL B 373 -16.97 -24.32 20.24
N TYR B 374 -17.93 -23.42 20.37
CA TYR B 374 -19.31 -23.74 20.07
C TYR B 374 -19.65 -23.33 18.63
N ILE B 375 -20.45 -24.16 17.95
CA ILE B 375 -20.91 -23.90 16.59
C ILE B 375 -22.41 -24.17 16.52
N TRP B 376 -23.20 -23.13 16.29
CA TRP B 376 -24.64 -23.22 16.19
C TRP B 376 -25.09 -23.15 14.73
N ASN B 377 -26.28 -23.70 14.47
CA ASN B 377 -27.00 -23.45 13.23
C ASN B 377 -27.68 -22.09 13.33
N LEU B 378 -27.28 -21.15 12.46
CA LEU B 378 -27.79 -19.78 12.55
C LEU B 378 -29.31 -19.75 12.56
N GLN B 379 -29.94 -20.57 11.72
CA GLN B 379 -31.38 -20.53 11.54
C GLN B 379 -32.12 -21.30 12.63
N THR B 380 -31.64 -22.50 12.96
CA THR B 380 -32.35 -23.36 13.92
C THR B 380 -31.86 -23.19 15.35
N LYS B 381 -30.76 -22.46 15.55
CA LYS B 381 -30.20 -22.19 16.88
C LYS B 381 -29.64 -23.44 17.55
N GLU B 382 -29.78 -24.58 16.87
CA GLU B 382 -29.25 -25.83 17.38
C GLU B 382 -27.71 -25.79 17.45
N ILE B 383 -27.17 -26.30 18.55
CA ILE B 383 -25.74 -26.60 18.63
C ILE B 383 -25.43 -27.75 17.68
N VAL B 384 -24.52 -27.54 16.74
CA VAL B 384 -24.15 -28.58 15.79
C VAL B 384 -22.77 -29.17 16.05
N GLN B 385 -21.88 -28.47 16.74
CA GLN B 385 -20.55 -29.01 16.99
C GLN B 385 -19.95 -28.26 18.17
N LYS B 386 -19.19 -28.99 18.99
CA LYS B 386 -18.37 -28.42 20.05
C LYS B 386 -16.95 -28.92 19.82
N LEU B 387 -16.01 -27.99 19.66
CA LEU B 387 -14.65 -28.36 19.31
C LEU B 387 -13.82 -28.52 20.58
N GLN B 388 -13.24 -29.71 20.78
CA GLN B 388 -12.55 -30.04 22.02
C GLN B 388 -11.05 -30.11 21.79
N GLY B 389 -10.29 -29.59 22.75
CA GLY B 389 -8.84 -29.65 22.68
C GLY B 389 -8.15 -28.58 23.48
N HIS B 390 -8.73 -27.38 23.57
CA HIS B 390 -8.10 -26.32 24.35
C HIS B 390 -8.19 -26.65 25.84
N THR B 391 -7.19 -26.17 26.59
CA THR B 391 -7.06 -26.42 28.02
C THR B 391 -7.31 -25.17 28.87
N ASP B 392 -7.96 -24.16 28.29
CA ASP B 392 -8.34 -22.95 29.02
C ASP B 392 -9.41 -22.25 28.20
N VAL B 393 -9.94 -21.17 28.76
CA VAL B 393 -11.04 -20.44 28.14
C VAL B 393 -10.72 -20.12 26.68
N VAL B 394 -11.66 -20.39 25.78
CA VAL B 394 -11.46 -20.11 24.37
C VAL B 394 -11.92 -18.68 24.14
N ILE B 395 -10.95 -17.75 24.20
CA ILE B 395 -11.24 -16.33 24.25
C ILE B 395 -11.43 -15.72 22.87
N SER B 396 -11.02 -16.41 21.81
CA SER B 396 -11.01 -15.83 20.47
C SER B 396 -11.23 -16.93 19.45
N THR B 397 -12.13 -16.67 18.49
CA THR B 397 -12.33 -17.53 17.33
C THR B 397 -12.37 -16.66 16.08
N ALA B 398 -12.03 -17.26 14.95
CA ALA B 398 -12.04 -16.55 13.67
C ALA B 398 -12.38 -17.53 12.56
N CYS B 399 -13.01 -17.02 11.49
CA CYS B 399 -13.45 -17.81 10.35
C CYS B 399 -12.74 -17.34 9.08
N HIS B 400 -12.19 -18.30 8.33
CA HIS B 400 -11.40 -17.99 7.14
C HIS B 400 -12.29 -17.34 6.07
N PRO B 401 -11.76 -16.40 5.28
CA PRO B 401 -12.63 -15.67 4.34
C PRO B 401 -13.20 -16.50 3.20
N THR B 402 -12.50 -17.54 2.73
CA THR B 402 -13.00 -18.32 1.61
C THR B 402 -13.08 -19.83 1.87
N GLU B 403 -12.35 -20.36 2.84
CA GLU B 403 -12.32 -21.79 3.10
C GLU B 403 -12.98 -22.10 4.44
N ASN B 404 -13.42 -23.36 4.58
CA ASN B 404 -14.07 -23.87 5.78
C ASN B 404 -13.00 -24.15 6.83
N ILE B 405 -12.52 -23.09 7.46
CA ILE B 405 -11.41 -23.16 8.42
C ILE B 405 -11.71 -22.21 9.57
N ILE B 406 -11.62 -22.73 10.80
CA ILE B 406 -11.77 -21.95 12.01
C ILE B 406 -10.40 -21.87 12.69
N ALA B 407 -10.09 -20.69 13.20
CA ALA B 407 -8.97 -20.50 14.12
C ALA B 407 -9.54 -20.22 15.49
N SER B 408 -8.92 -20.80 16.52
CA SER B 408 -9.35 -20.58 17.89
C SER B 408 -8.10 -20.39 18.73
N ALA B 409 -8.23 -19.62 19.81
CA ALA B 409 -7.10 -19.33 20.70
C ALA B 409 -7.59 -19.25 22.14
N ALA B 410 -6.68 -19.53 23.08
CA ALA B 410 -7.09 -19.71 24.47
C ALA B 410 -6.14 -19.00 25.44
N LEU B 411 -6.56 -18.92 26.71
CA LEU B 411 -5.88 -18.13 27.72
C LEU B 411 -4.65 -18.87 28.28
N GLU B 412 -4.09 -18.31 29.35
CA GLU B 412 -2.69 -18.59 29.68
C GLU B 412 -2.45 -19.99 30.23
N ASN B 413 -3.47 -20.75 30.64
CA ASN B 413 -3.17 -22.15 30.89
C ASN B 413 -2.97 -22.92 29.61
N ASP B 414 -3.28 -22.32 28.45
CA ASP B 414 -3.18 -22.97 27.15
C ASP B 414 -2.15 -22.30 26.26
N LYS B 415 -2.36 -21.04 25.86
CA LYS B 415 -1.42 -20.19 25.12
C LYS B 415 -1.24 -20.61 23.67
N THR B 416 -2.04 -21.54 23.16
CA THR B 416 -1.87 -21.99 21.78
C THR B 416 -3.04 -21.54 20.91
N ILE B 417 -2.79 -21.50 19.61
CA ILE B 417 -3.79 -21.31 18.57
C ILE B 417 -4.03 -22.66 17.91
N LYS B 418 -5.27 -22.95 17.57
CA LYS B 418 -5.60 -24.21 16.89
C LYS B 418 -6.33 -23.90 15.59
N LEU B 419 -5.99 -24.63 14.52
CA LEU B 419 -6.70 -24.55 13.24
C LEU B 419 -7.56 -25.78 13.07
N TRP B 420 -8.83 -25.57 12.74
CA TRP B 420 -9.79 -26.64 12.52
C TRP B 420 -10.33 -26.55 11.10
N LYS B 421 -10.40 -27.69 10.42
CA LYS B 421 -10.92 -27.70 9.06
C LYS B 421 -12.11 -28.63 8.93
N SER B 422 -13.11 -28.18 8.17
CA SER B 422 -14.33 -28.94 7.95
C SER B 422 -14.48 -29.19 6.46
N ASP B 423 -15.21 -30.26 6.13
CA ASP B 423 -15.55 -30.56 4.75
C ASP B 423 -16.74 -29.74 4.25
N CYS B 424 -17.43 -29.03 5.13
CA CYS B 424 -18.57 -28.20 4.74
C CYS B 424 -18.80 -27.09 5.79
#